data_1FWT
#
_entry.id   1FWT
#
_cell.length_a   84.164
_cell.length_b   84.164
_cell.length_c   159.737
_cell.angle_alpha   90.00
_cell.angle_beta   90.00
_cell.angle_gamma   120.00
#
_symmetry.space_group_name_H-M   'P 31 2 1'
#
loop_
_entity.id
_entity.type
_entity.pdbx_description
1 polymer '2-DEHYDRO-3-DEOXYPHOSPHOOCTONATE ALDOLASE'
2 non-polymer 'CADMIUM ION'
3 non-polymer PHOSPHOENOLPYRUVATE
4 non-polymer ERYTHOSE-4-PHOSPHATE
5 non-polymer 'PHOSPHATE ION'
6 water water
#
_entity_poly.entity_id   1
_entity_poly.type   'polypeptide(L)'
_entity_poly.pdbx_seq_one_letter_code
;MEKFLVIAGPCAIESEELLLKVGEEIKRLSEKFKEVEFVFKSSFDKANRSSIHSFRGHGLEYGVKALRKVKEEFGLKITT
DIHESWQAEPVAEVADIIQIPAFLCRQTDLLLAAAKTGRAVNVKKGQFLAPWDTKNVVEKLKFGGAKEIYLTERGTTFGY
NNLVVDFRSLPIMKQWAKVIYDATHSVQLPGGLGDKSGGMREFIFPLIRAAVAVGCDGVFMETHPEPEKALSDASTQLPL
SQLEGIIEAILEIREVASKYYETIPVK
;
_entity_poly.pdbx_strand_id   A,B
#
# COMPACT_ATOMS: atom_id res chain seq x y z
N GLU A 2 22.11 23.80 5.50
CA GLU A 2 22.04 22.89 4.31
C GLU A 2 21.06 23.47 3.28
N LYS A 3 21.25 23.10 2.02
CA LYS A 3 20.38 23.60 0.95
C LYS A 3 18.98 22.99 1.02
N PHE A 4 17.99 23.87 1.13
CA PHE A 4 16.59 23.45 1.22
C PHE A 4 16.10 22.89 -0.11
N LEU A 5 15.38 21.78 -0.04
CA LEU A 5 14.89 21.13 -1.23
C LEU A 5 13.42 21.45 -1.54
N VAL A 6 13.15 21.78 -2.79
CA VAL A 6 11.78 22.03 -3.21
C VAL A 6 11.51 21.09 -4.37
N ILE A 7 10.66 20.10 -4.13
CA ILE A 7 10.29 19.13 -5.16
C ILE A 7 8.93 19.60 -5.68
N ALA A 8 8.88 19.99 -6.95
CA ALA A 8 7.63 20.50 -7.51
C ALA A 8 7.42 20.13 -8.98
N GLY A 9 6.17 20.08 -9.39
CA GLY A 9 5.85 19.75 -10.77
C GLY A 9 4.42 19.25 -10.88
N PRO A 10 3.93 19.01 -12.11
CA PRO A 10 2.56 18.53 -12.29
C PRO A 10 2.44 17.09 -11.78
N CYS A 11 1.32 16.79 -11.13
CA CYS A 11 1.09 15.45 -10.58
C CYS A 11 1.40 14.34 -11.58
N ALA A 12 0.79 14.43 -12.76
CA ALA A 12 0.97 13.42 -13.79
C ALA A 12 1.48 14.03 -15.10
N ILE A 13 2.21 13.23 -15.88
CA ILE A 13 2.73 13.70 -17.15
C ILE A 13 1.62 13.67 -18.19
N GLU A 14 0.76 14.69 -18.13
CA GLU A 14 -0.37 14.80 -19.04
C GLU A 14 0.11 14.95 -20.49
N SER A 15 1.28 15.56 -20.67
CA SER A 15 1.88 15.75 -21.98
C SER A 15 3.24 16.38 -21.80
N GLU A 16 4.12 16.20 -22.77
CA GLU A 16 5.46 16.76 -22.69
C GLU A 16 5.34 18.29 -22.66
N GLU A 17 4.31 18.81 -23.32
CA GLU A 17 4.07 20.25 -23.36
C GLU A 17 3.82 20.80 -21.95
N LEU A 18 2.97 20.11 -21.20
CA LEU A 18 2.66 20.54 -19.83
C LEU A 18 3.95 20.62 -19.02
N LEU A 19 4.79 19.60 -19.14
CA LEU A 19 6.05 19.55 -18.42
C LEU A 19 6.96 20.75 -18.70
N LEU A 20 7.13 21.07 -19.98
CA LEU A 20 8.00 22.19 -20.37
C LEU A 20 7.46 23.52 -19.86
N LYS A 21 6.13 23.62 -19.79
CA LYS A 21 5.48 24.84 -19.31
C LYS A 21 5.77 25.04 -17.82
N VAL A 22 5.66 23.96 -17.06
CA VAL A 22 5.91 24.02 -15.63
C VAL A 22 7.42 24.13 -15.40
N GLY A 23 8.17 23.35 -16.17
CA GLY A 23 9.62 23.38 -16.04
C GLY A 23 10.20 24.77 -16.23
N GLU A 24 9.65 25.51 -17.18
CA GLU A 24 10.13 26.85 -17.46
C GLU A 24 10.01 27.73 -16.22
N GLU A 25 8.85 27.68 -15.56
CA GLU A 25 8.63 28.47 -14.37
C GLU A 25 9.52 28.01 -13.23
N ILE A 26 9.66 26.70 -13.06
CA ILE A 26 10.50 26.17 -12.00
C ILE A 26 11.96 26.60 -12.23
N LYS A 27 12.36 26.63 -13.50
CA LYS A 27 13.71 27.06 -13.85
C LYS A 27 13.89 28.53 -13.47
N ARG A 28 12.88 29.34 -13.74
CA ARG A 28 12.95 30.77 -13.41
C ARG A 28 13.14 30.95 -11.92
N LEU A 29 12.39 30.18 -11.13
CA LEU A 29 12.48 30.29 -9.69
C LEU A 29 13.81 29.77 -9.14
N SER A 30 14.39 28.77 -9.80
CA SER A 30 15.66 28.22 -9.35
C SER A 30 16.76 29.27 -9.52
N GLU A 31 16.56 30.18 -10.47
CA GLU A 31 17.54 31.24 -10.72
C GLU A 31 17.36 32.32 -9.65
N LYS A 32 16.13 32.50 -9.19
CA LYS A 32 15.85 33.51 -8.18
C LYS A 32 16.21 32.96 -6.79
N PHE A 33 15.64 31.81 -6.44
CA PHE A 33 15.91 31.20 -5.15
C PHE A 33 17.13 30.28 -5.25
N LYS A 34 18.30 30.88 -5.31
CA LYS A 34 19.53 30.12 -5.43
C LYS A 34 19.88 29.29 -4.19
N GLU A 35 19.26 29.60 -3.05
CA GLU A 35 19.55 28.83 -1.83
C GLU A 35 18.68 27.58 -1.80
N VAL A 36 17.88 27.39 -2.83
CA VAL A 36 17.00 26.22 -2.91
C VAL A 36 17.44 25.27 -4.01
N GLU A 37 17.34 23.97 -3.73
CA GLU A 37 17.68 22.97 -4.73
C GLU A 37 16.34 22.49 -5.25
N PHE A 38 16.04 22.78 -6.51
CA PHE A 38 14.78 22.36 -7.10
C PHE A 38 14.89 21.01 -7.78
N VAL A 39 13.83 20.22 -7.67
CA VAL A 39 13.78 18.91 -8.31
C VAL A 39 12.41 18.84 -8.97
N PHE A 40 12.40 18.66 -10.29
CA PHE A 40 11.15 18.59 -11.05
C PHE A 40 10.50 17.22 -10.92
N LYS A 41 9.24 17.20 -10.49
CA LYS A 41 8.52 15.95 -10.30
C LYS A 41 7.26 15.80 -11.15
N SER A 42 7.08 14.59 -11.66
CA SER A 42 5.89 14.25 -12.44
C SER A 42 5.87 12.74 -12.68
N SER A 43 4.73 12.12 -12.36
CA SER A 43 4.55 10.68 -12.49
C SER A 43 4.24 10.22 -13.92
N PHE A 44 5.01 9.25 -14.41
CA PHE A 44 4.76 8.73 -15.75
C PHE A 44 3.56 7.80 -15.70
N ASP A 45 3.15 7.44 -14.48
CA ASP A 45 2.00 6.56 -14.31
C ASP A 45 1.35 6.68 -12.94
N LYS A 46 0.04 6.85 -12.93
CA LYS A 46 -0.72 6.91 -11.69
C LYS A 46 -1.25 5.49 -11.60
N ALA A 47 -0.44 4.61 -11.04
CA ALA A 47 -0.75 3.19 -10.93
C ALA A 47 -1.70 2.78 -9.80
N ASN A 48 -2.16 3.74 -9.01
CA ASN A 48 -3.04 3.43 -7.90
C ASN A 48 -4.31 4.27 -7.84
N ARG A 49 -4.82 4.71 -8.99
CA ARG A 49 -6.04 5.51 -9.00
C ARG A 49 -7.15 4.70 -8.33
N SER A 50 -8.15 5.38 -7.79
CA SER A 50 -9.26 4.69 -7.16
C SER A 50 -10.12 4.00 -8.22
N SER A 51 -10.35 4.70 -9.33
CA SER A 51 -11.18 4.16 -10.40
C SER A 51 -10.42 3.70 -11.64
N ILE A 52 -10.91 2.61 -12.23
CA ILE A 52 -10.31 2.05 -13.43
C ILE A 52 -10.48 3.02 -14.60
N HIS A 53 -11.42 3.96 -14.47
CA HIS A 53 -11.69 4.91 -15.54
C HIS A 53 -10.88 6.21 -15.47
N SER A 54 -10.12 6.38 -14.40
CA SER A 54 -9.31 7.60 -14.26
C SER A 54 -8.02 7.55 -15.05
N PHE A 55 -7.52 8.73 -15.39
CA PHE A 55 -6.29 8.86 -16.16
C PHE A 55 -5.08 8.23 -15.44
N ARG A 56 -4.29 7.47 -16.19
CA ARG A 56 -3.09 6.83 -15.64
C ARG A 56 -1.80 7.44 -16.19
N GLY A 57 -1.74 7.60 -17.50
CA GLY A 57 -0.53 8.16 -18.10
C GLY A 57 -0.30 7.66 -19.51
N HIS A 58 0.80 8.10 -20.12
CA HIS A 58 1.10 7.70 -21.48
C HIS A 58 2.22 6.66 -21.57
N GLY A 59 2.48 5.97 -20.46
CA GLY A 59 3.50 4.94 -20.45
C GLY A 59 4.86 5.37 -19.97
N LEU A 60 5.64 4.39 -19.53
CA LEU A 60 6.98 4.61 -19.02
C LEU A 60 7.88 5.28 -20.06
N GLU A 61 7.96 4.68 -21.24
CA GLU A 61 8.79 5.20 -22.32
C GLU A 61 8.58 6.68 -22.59
N TYR A 62 7.32 7.05 -22.83
CA TYR A 62 6.95 8.44 -23.10
C TYR A 62 7.35 9.34 -21.93
N GLY A 63 6.97 8.92 -20.71
CA GLY A 63 7.28 9.69 -19.52
C GLY A 63 8.74 10.00 -19.32
N VAL A 64 9.59 8.97 -19.41
CA VAL A 64 11.03 9.16 -19.24
C VAL A 64 11.55 10.12 -20.30
N LYS A 65 11.03 9.98 -21.51
CA LYS A 65 11.43 10.84 -22.62
C LYS A 65 11.07 12.30 -22.32
N ALA A 66 9.86 12.51 -21.82
CA ALA A 66 9.39 13.86 -21.49
C ALA A 66 10.21 14.44 -20.35
N LEU A 67 10.48 13.64 -19.32
CA LEU A 67 11.26 14.10 -18.18
C LEU A 67 12.69 14.46 -18.63
N ARG A 68 13.24 13.64 -19.53
CA ARG A 68 14.59 13.88 -20.03
C ARG A 68 14.65 15.21 -20.76
N LYS A 69 13.56 15.55 -21.46
CA LYS A 69 13.50 16.81 -22.19
C LYS A 69 13.56 17.98 -21.22
N VAL A 70 12.87 17.84 -20.09
CA VAL A 70 12.87 18.88 -19.06
C VAL A 70 14.29 19.07 -18.53
N LYS A 71 14.96 17.96 -18.19
CA LYS A 71 16.32 18.03 -17.68
C LYS A 71 17.27 18.64 -18.69
N GLU A 72 17.12 18.22 -19.94
CA GLU A 72 17.95 18.71 -21.03
C GLU A 72 17.72 20.18 -21.36
N GLU A 73 16.45 20.59 -21.40
CA GLU A 73 16.11 21.96 -21.73
C GLU A 73 16.31 22.98 -20.61
N PHE A 74 16.10 22.56 -19.37
CA PHE A 74 16.23 23.47 -18.24
C PHE A 74 17.35 23.17 -17.25
N GLY A 75 18.00 22.01 -17.41
CA GLY A 75 19.07 21.65 -16.51
C GLY A 75 18.58 21.44 -15.09
N LEU A 76 17.37 20.92 -14.96
CA LEU A 76 16.78 20.66 -13.65
C LEU A 76 16.91 19.19 -13.24
N LYS A 77 17.03 18.94 -11.95
CA LYS A 77 17.10 17.57 -11.46
C LYS A 77 15.69 17.00 -11.62
N ILE A 78 15.60 15.69 -11.70
CA ILE A 78 14.33 15.01 -11.93
C ILE A 78 14.00 13.94 -10.91
N THR A 79 12.70 13.81 -10.63
CA THR A 79 12.22 12.76 -9.74
C THR A 79 10.88 12.27 -10.25
N THR A 80 10.69 10.95 -10.17
CA THR A 80 9.44 10.33 -10.57
C THR A 80 9.33 9.05 -9.75
N ASP A 81 8.11 8.52 -9.60
CA ASP A 81 7.91 7.32 -8.81
C ASP A 81 7.81 6.01 -9.60
N ILE A 82 8.23 4.92 -8.98
CA ILE A 82 8.17 3.61 -9.61
C ILE A 82 7.15 2.76 -8.88
N HIS A 83 6.60 1.78 -9.57
CA HIS A 83 5.56 0.95 -9.00
C HIS A 83 5.87 -0.53 -8.92
N GLU A 84 6.84 -0.97 -9.72
CA GLU A 84 7.29 -2.36 -9.71
C GLU A 84 8.81 -2.35 -9.89
N SER A 85 9.46 -3.37 -9.35
CA SER A 85 10.92 -3.47 -9.39
C SER A 85 11.60 -3.24 -10.73
N TRP A 86 11.04 -3.78 -11.81
CA TRP A 86 11.64 -3.64 -13.12
C TRP A 86 11.74 -2.21 -13.64
N GLN A 87 10.98 -1.30 -13.04
CA GLN A 87 11.00 0.10 -13.49
C GLN A 87 12.17 0.92 -12.93
N ALA A 88 12.80 0.44 -11.87
CA ALA A 88 13.91 1.15 -11.26
C ALA A 88 15.07 1.45 -12.21
N GLU A 89 15.50 0.45 -12.96
CA GLU A 89 16.61 0.62 -13.89
C GLU A 89 16.35 1.65 -14.98
N PRO A 90 15.28 1.46 -15.77
CA PRO A 90 15.03 2.46 -16.82
C PRO A 90 14.78 3.87 -16.28
N VAL A 91 14.07 3.96 -15.16
CA VAL A 91 13.78 5.25 -14.57
C VAL A 91 15.03 5.94 -14.08
N ALA A 92 15.95 5.15 -13.51
CA ALA A 92 17.20 5.68 -12.97
C ALA A 92 18.04 6.39 -14.03
N GLU A 93 17.75 6.13 -15.31
CA GLU A 93 18.49 6.77 -16.38
C GLU A 93 18.21 8.27 -16.47
N VAL A 94 17.06 8.71 -15.93
CA VAL A 94 16.73 10.12 -15.97
C VAL A 94 16.49 10.73 -14.58
N ALA A 95 15.93 9.93 -13.68
CA ALA A 95 15.61 10.39 -12.33
C ALA A 95 16.80 10.48 -11.38
N ASP A 96 16.99 11.66 -10.80
CA ASP A 96 18.06 11.90 -9.84
C ASP A 96 17.59 11.34 -8.51
N ILE A 97 16.29 11.38 -8.30
CA ILE A 97 15.69 10.87 -7.07
C ILE A 97 14.56 9.92 -7.45
N ILE A 98 14.64 8.67 -7.00
CA ILE A 98 13.58 7.71 -7.30
C ILE A 98 12.59 7.76 -6.15
N GLN A 99 11.33 7.98 -6.48
CA GLN A 99 10.28 8.09 -5.46
C GLN A 99 9.54 6.77 -5.26
N ILE A 100 9.31 6.41 -4.00
CA ILE A 100 8.59 5.19 -3.67
C ILE A 100 7.20 5.59 -3.19
N PRO A 101 6.14 5.13 -3.88
CA PRO A 101 4.76 5.48 -3.50
C PRO A 101 4.43 5.10 -2.06
N ALA A 102 3.52 5.86 -1.45
CA ALA A 102 3.10 5.62 -0.07
C ALA A 102 2.56 4.22 0.20
N PHE A 103 1.69 3.71 -0.67
CA PHE A 103 1.14 2.38 -0.45
C PHE A 103 2.21 1.31 -0.54
N LEU A 104 3.30 1.61 -1.25
CA LEU A 104 4.37 0.63 -1.44
C LEU A 104 5.61 0.83 -0.59
N CYS A 105 5.52 1.64 0.47
CA CYS A 105 6.68 1.91 1.31
C CYS A 105 7.24 0.72 2.08
N ARG A 106 6.52 -0.40 2.08
CA ARG A 106 6.97 -1.60 2.77
C ARG A 106 7.36 -2.74 1.82
N GLN A 107 7.23 -2.50 0.52
CA GLN A 107 7.56 -3.51 -0.48
C GLN A 107 9.07 -3.61 -0.64
N THR A 108 9.66 -4.57 0.07
CA THR A 108 11.10 -4.78 0.08
C THR A 108 11.83 -4.76 -1.26
N ASP A 109 11.32 -5.49 -2.25
CA ASP A 109 11.98 -5.54 -3.56
C ASP A 109 11.97 -4.21 -4.31
N LEU A 110 10.93 -3.41 -4.11
CA LEU A 110 10.85 -2.13 -4.80
C LEU A 110 11.93 -1.20 -4.22
N LEU A 111 12.04 -1.19 -2.90
CA LEU A 111 13.04 -0.38 -2.22
C LEU A 111 14.45 -0.81 -2.63
N LEU A 112 14.69 -2.12 -2.66
CA LEU A 112 15.99 -2.66 -3.03
C LEU A 112 16.33 -2.31 -4.48
N ALA A 113 15.35 -2.42 -5.38
CA ALA A 113 15.55 -2.10 -6.77
C ALA A 113 15.97 -0.64 -6.94
N ALA A 114 15.35 0.24 -6.17
CA ALA A 114 15.66 1.67 -6.24
C ALA A 114 17.06 1.92 -5.68
N ALA A 115 17.35 1.31 -4.53
CA ALA A 115 18.63 1.50 -3.86
C ALA A 115 19.87 1.12 -4.67
N LYS A 116 19.80 0.01 -5.39
CA LYS A 116 20.96 -0.44 -6.16
C LYS A 116 21.25 0.38 -7.42
N THR A 117 20.38 1.32 -7.77
CA THR A 117 20.62 2.16 -8.96
C THR A 117 21.68 3.22 -8.67
N GLY A 118 21.92 3.48 -7.39
CA GLY A 118 22.90 4.48 -7.00
C GLY A 118 22.26 5.87 -6.91
N ARG A 119 20.99 5.96 -7.28
CA ARG A 119 20.27 7.23 -7.22
C ARG A 119 19.73 7.47 -5.82
N ALA A 120 19.35 8.71 -5.54
CA ALA A 120 18.80 9.05 -4.23
C ALA A 120 17.40 8.44 -4.20
N VAL A 121 16.92 8.11 -3.01
CA VAL A 121 15.59 7.53 -2.90
C VAL A 121 14.73 8.30 -1.90
N ASN A 122 13.52 8.62 -2.32
CA ASN A 122 12.58 9.35 -1.46
C ASN A 122 11.37 8.46 -1.25
N VAL A 123 11.09 8.12 0.00
CA VAL A 123 9.96 7.26 0.31
C VAL A 123 8.81 8.03 0.93
N LYS A 124 7.64 7.93 0.30
CA LYS A 124 6.44 8.57 0.82
C LYS A 124 6.03 7.69 2.00
N LYS A 125 5.87 8.28 3.18
CA LYS A 125 5.48 7.48 4.35
C LYS A 125 4.05 6.99 4.19
N GLY A 126 3.86 5.68 4.28
CA GLY A 126 2.52 5.12 4.13
C GLY A 126 1.54 5.70 5.14
N GLN A 127 0.29 5.85 4.69
CA GLN A 127 -0.77 6.40 5.53
C GLN A 127 -1.07 5.51 6.74
N PHE A 128 -0.53 4.29 6.71
CA PHE A 128 -0.72 3.31 7.77
C PHE A 128 0.47 3.21 8.71
N LEU A 129 1.56 3.87 8.34
CA LEU A 129 2.79 3.82 9.11
C LEU A 129 2.94 4.87 10.21
N ALA A 130 3.50 4.44 11.34
CA ALA A 130 3.77 5.33 12.47
C ALA A 130 5.14 5.93 12.14
N PRO A 131 5.42 7.14 12.65
CA PRO A 131 6.71 7.79 12.38
C PRO A 131 7.93 6.94 12.71
N TRP A 132 7.90 6.28 13.86
CA TRP A 132 9.02 5.45 14.28
C TRP A 132 9.17 4.17 13.45
N ASP A 133 8.13 3.79 12.71
CA ASP A 133 8.22 2.59 11.86
C ASP A 133 9.05 2.85 10.60
N THR A 134 9.42 4.10 10.35
CA THR A 134 10.23 4.42 9.16
C THR A 134 11.70 4.09 9.35
N LYS A 135 12.10 3.81 10.58
CA LYS A 135 13.50 3.46 10.84
C LYS A 135 13.87 2.22 10.03
N ASN A 136 13.00 1.22 10.02
CA ASN A 136 13.26 -0.01 9.25
C ASN A 136 13.20 0.21 7.75
N VAL A 137 12.45 1.22 7.30
CA VAL A 137 12.37 1.52 5.88
C VAL A 137 13.73 2.03 5.44
N VAL A 138 14.30 2.91 6.25
CA VAL A 138 15.62 3.47 5.95
C VAL A 138 16.67 2.37 6.04
N GLU A 139 16.53 1.47 7.01
CA GLU A 139 17.46 0.36 7.16
C GLU A 139 17.50 -0.48 5.89
N LYS A 140 16.33 -0.79 5.33
CA LYS A 140 16.27 -1.58 4.11
C LYS A 140 17.02 -0.88 2.99
N LEU A 141 16.78 0.42 2.86
CA LEU A 141 17.44 1.21 1.81
C LEU A 141 18.96 1.23 1.98
N LYS A 142 19.43 1.45 3.19
CA LYS A 142 20.87 1.48 3.43
C LYS A 142 21.45 0.11 3.10
N PHE A 143 20.72 -0.94 3.49
CA PHE A 143 21.11 -2.33 3.22
C PHE A 143 21.23 -2.53 1.71
N GLY A 144 20.34 -1.88 0.96
CA GLY A 144 20.34 -2.00 -0.49
C GLY A 144 21.31 -1.08 -1.21
N GLY A 145 22.11 -0.33 -0.45
CA GLY A 145 23.08 0.55 -1.08
C GLY A 145 22.74 2.03 -1.25
N ALA A 146 21.57 2.46 -0.76
CA ALA A 146 21.18 3.86 -0.90
C ALA A 146 22.02 4.74 0.02
N LYS A 147 22.59 5.80 -0.54
CA LYS A 147 23.42 6.71 0.23
C LYS A 147 22.74 8.04 0.55
N GLU A 148 21.70 8.38 -0.21
CA GLU A 148 20.94 9.60 0.02
C GLU A 148 19.49 9.19 0.13
N ILE A 149 18.94 9.28 1.33
CA ILE A 149 17.58 8.87 1.60
C ILE A 149 16.69 9.97 2.16
N TYR A 150 15.46 10.03 1.68
CA TYR A 150 14.48 10.99 2.17
C TYR A 150 13.21 10.27 2.58
N LEU A 151 12.54 10.80 3.58
CA LEU A 151 11.26 10.28 4.06
C LEU A 151 10.28 11.44 3.89
N THR A 152 9.17 11.20 3.21
CA THR A 152 8.18 12.25 2.99
C THR A 152 6.90 12.09 3.79
N GLU A 153 6.57 13.13 4.54
CA GLU A 153 5.35 13.15 5.33
C GLU A 153 4.22 13.55 4.40
N ARG A 154 3.20 12.70 4.26
CA ARG A 154 2.07 13.02 3.40
C ARG A 154 0.74 12.71 4.06
N GLY A 155 0.71 12.73 5.38
CA GLY A 155 -0.53 12.47 6.09
C GLY A 155 -0.71 11.05 6.56
N THR A 156 -1.60 10.88 7.53
CA THR A 156 -1.88 9.57 8.12
C THR A 156 -3.38 9.35 8.15
N THR A 157 -3.79 8.11 7.97
CA THR A 157 -5.21 7.76 7.99
C THR A 157 -5.85 8.23 9.30
N PHE A 158 -6.92 9.02 9.16
CA PHE A 158 -7.64 9.57 10.31
C PHE A 158 -9.12 9.37 10.03
N GLY A 159 -9.66 8.23 10.46
CA GLY A 159 -11.05 7.93 10.18
C GLY A 159 -11.12 7.61 8.70
N TYR A 160 -12.32 7.60 8.14
CA TYR A 160 -12.48 7.30 6.72
C TYR A 160 -12.39 8.52 5.83
N ASN A 161 -11.77 8.35 4.66
CA ASN A 161 -11.64 9.41 3.67
C ASN A 161 -11.06 10.71 4.21
N ASN A 162 -10.11 10.61 5.13
CA ASN A 162 -9.51 11.82 5.68
C ASN A 162 -8.11 11.51 6.16
N LEU A 163 -7.24 12.51 6.09
CA LEU A 163 -5.87 12.36 6.54
C LEU A 163 -5.53 13.50 7.47
N VAL A 164 -4.68 13.23 8.45
CA VAL A 164 -4.26 14.25 9.37
C VAL A 164 -2.74 14.27 9.33
N VAL A 165 -2.14 15.44 9.53
CA VAL A 165 -0.70 15.53 9.56
C VAL A 165 -0.29 15.67 11.02
N ASP A 166 0.46 14.69 11.51
CA ASP A 166 0.95 14.68 12.89
C ASP A 166 2.37 15.24 12.79
N PHE A 167 2.52 16.55 12.99
CA PHE A 167 3.84 17.15 12.87
C PHE A 167 4.93 16.61 13.77
N ARG A 168 4.56 15.75 14.71
CA ARG A 168 5.58 15.16 15.58
C ARG A 168 6.43 14.22 14.72
N SER A 169 5.90 13.84 13.57
CA SER A 169 6.62 12.93 12.67
C SER A 169 7.92 13.54 12.12
N LEU A 170 7.93 14.86 11.92
CA LEU A 170 9.10 15.52 11.38
C LEU A 170 10.37 15.33 12.23
N PRO A 171 10.31 15.67 13.53
CA PRO A 171 11.53 15.48 14.32
C PRO A 171 11.85 14.00 14.57
N ILE A 172 10.83 13.14 14.58
CA ILE A 172 11.06 11.72 14.80
C ILE A 172 11.81 11.10 13.60
N MET A 173 11.28 11.30 12.40
CA MET A 173 11.90 10.76 11.20
C MET A 173 13.29 11.36 10.94
N LYS A 174 13.49 12.60 11.39
CA LYS A 174 14.77 13.27 11.20
C LYS A 174 15.90 12.48 11.87
N GLN A 175 15.55 11.61 12.81
CA GLN A 175 16.56 10.79 13.49
C GLN A 175 17.32 9.87 12.53
N TRP A 176 16.68 9.47 11.45
CA TRP A 176 17.32 8.55 10.51
C TRP A 176 17.34 8.91 9.03
N ALA A 177 16.81 10.06 8.66
CA ALA A 177 16.82 10.48 7.26
C ALA A 177 16.41 11.93 7.10
N LYS A 178 16.66 12.49 5.93
CA LYS A 178 16.25 13.86 5.67
C LYS A 178 14.75 13.77 5.48
N VAL A 179 14.03 14.79 5.95
CA VAL A 179 12.59 14.81 5.88
C VAL A 179 11.98 15.85 4.93
N ILE A 180 11.01 15.40 4.14
CA ILE A 180 10.32 16.25 3.18
C ILE A 180 8.84 16.30 3.54
N TYR A 181 8.23 17.48 3.46
CA TYR A 181 6.80 17.60 3.75
C TYR A 181 6.02 17.77 2.45
N ASP A 182 5.09 16.85 2.21
CA ASP A 182 4.25 16.85 1.01
C ASP A 182 3.05 17.77 1.30
N ALA A 183 3.12 19.00 0.83
CA ALA A 183 2.06 19.98 1.07
C ALA A 183 0.75 19.74 0.32
N THR A 184 0.78 19.00 -0.78
CA THR A 184 -0.44 18.79 -1.53
C THR A 184 -1.20 17.49 -1.26
N HIS A 185 -0.51 16.38 -1.05
CA HIS A 185 -1.22 15.13 -0.78
C HIS A 185 -1.74 15.08 0.66
N SER A 186 -1.09 15.80 1.56
CA SER A 186 -1.50 15.83 2.97
C SER A 186 -2.88 16.44 3.21
N VAL A 187 -3.41 17.20 2.25
CA VAL A 187 -4.72 17.81 2.42
C VAL A 187 -5.78 17.11 1.59
N GLN A 188 -5.38 16.08 0.86
CA GLN A 188 -6.32 15.35 0.01
C GLN A 188 -7.26 14.48 0.85
N LEU A 189 -8.47 14.26 0.33
CA LEU A 189 -9.45 13.43 1.00
C LEU A 189 -9.55 12.12 0.20
N PRO A 190 -8.85 11.07 0.65
CA PRO A 190 -8.85 9.77 -0.03
C PRO A 190 -10.24 9.24 -0.37
N GLY A 191 -10.47 8.99 -1.66
CA GLY A 191 -11.76 8.48 -2.10
C GLY A 191 -12.93 9.37 -1.73
N GLY A 192 -12.63 10.63 -1.40
CA GLY A 192 -13.67 11.58 -1.01
C GLY A 192 -14.73 11.92 -2.04
N LEU A 193 -14.43 11.70 -3.32
CA LEU A 193 -15.40 12.00 -4.39
C LEU A 193 -16.03 10.74 -4.99
N GLY A 194 -15.83 9.60 -4.33
CA GLY A 194 -16.40 8.35 -4.82
C GLY A 194 -15.46 7.63 -5.77
N ASP A 195 -15.47 8.04 -7.04
CA ASP A 195 -14.63 7.44 -8.06
C ASP A 195 -13.23 8.07 -8.05
N LYS A 196 -13.10 9.16 -7.29
CA LYS A 196 -11.82 9.87 -7.17
C LYS A 196 -11.66 10.42 -5.76
N SER A 197 -10.46 10.93 -5.46
CA SER A 197 -10.19 11.50 -4.14
C SER A 197 -10.47 13.00 -4.13
N GLY A 198 -10.75 13.52 -2.94
CA GLY A 198 -11.03 14.94 -2.80
C GLY A 198 -9.83 15.69 -2.25
N GLY A 199 -10.05 16.91 -1.78
CA GLY A 199 -8.96 17.69 -1.23
C GLY A 199 -9.44 19.07 -0.83
N MET A 200 -8.70 19.69 0.10
CA MET A 200 -9.05 21.02 0.57
C MET A 200 -7.86 21.96 0.38
N ARG A 201 -7.84 22.60 -0.79
CA ARG A 201 -6.77 23.53 -1.17
C ARG A 201 -6.52 24.67 -0.19
N GLU A 202 -7.57 25.07 0.53
CA GLU A 202 -7.44 26.16 1.50
C GLU A 202 -6.48 25.85 2.64
N PHE A 203 -6.15 24.58 2.84
CA PHE A 203 -5.24 24.21 3.92
C PHE A 203 -3.80 23.95 3.49
N ILE A 204 -3.54 23.97 2.19
CA ILE A 204 -2.18 23.72 1.71
C ILE A 204 -1.17 24.71 2.30
N PHE A 205 -1.45 26.00 2.16
CA PHE A 205 -0.53 27.03 2.66
C PHE A 205 -0.32 27.02 4.18
N PRO A 206 -1.41 27.04 4.96
CA PRO A 206 -1.18 27.03 6.41
C PRO A 206 -0.36 25.83 6.91
N LEU A 207 -0.65 24.64 6.40
CA LEU A 207 0.10 23.46 6.84
C LEU A 207 1.57 23.49 6.39
N ILE A 208 1.86 24.05 5.23
CA ILE A 208 3.25 24.12 4.79
C ILE A 208 3.99 25.13 5.68
N ARG A 209 3.28 26.15 6.17
CA ARG A 209 3.91 27.12 7.05
C ARG A 209 4.28 26.36 8.33
N ALA A 210 3.37 25.51 8.80
CA ALA A 210 3.63 24.72 10.01
C ALA A 210 4.85 23.81 9.81
N ALA A 211 4.94 23.16 8.65
CA ALA A 211 6.06 22.26 8.39
C ALA A 211 7.42 22.94 8.52
N VAL A 212 7.58 24.11 7.91
CA VAL A 212 8.85 24.80 7.99
C VAL A 212 9.13 25.40 9.37
N ALA A 213 8.08 25.71 10.12
CA ALA A 213 8.27 26.26 11.46
C ALA A 213 8.77 25.13 12.36
N VAL A 214 8.20 23.94 12.17
CA VAL A 214 8.64 22.77 12.95
C VAL A 214 10.05 22.44 12.49
N GLY A 215 10.24 22.42 11.17
CA GLY A 215 11.55 22.14 10.61
C GLY A 215 11.64 20.88 9.78
N CYS A 216 12.00 21.03 8.51
CA CYS A 216 12.16 19.91 7.61
C CYS A 216 13.29 20.25 6.65
N ASP A 217 13.66 19.30 5.80
CA ASP A 217 14.76 19.52 4.87
C ASP A 217 14.29 19.90 3.46
N GLY A 218 12.98 19.92 3.27
CA GLY A 218 12.43 20.28 1.98
C GLY A 218 10.93 20.11 1.95
N VAL A 219 10.32 20.58 0.87
CA VAL A 219 8.88 20.46 0.70
C VAL A 219 8.58 19.92 -0.69
N PHE A 220 7.47 19.21 -0.80
CA PHE A 220 7.02 18.60 -2.03
C PHE A 220 5.67 19.24 -2.35
N MET A 221 5.53 19.81 -3.55
CA MET A 221 4.29 20.46 -3.96
C MET A 221 3.96 20.17 -5.41
N GLU A 222 2.73 19.74 -5.66
CA GLU A 222 2.31 19.49 -7.04
C GLU A 222 1.73 20.82 -7.50
N THR A 223 2.07 21.21 -8.73
CA THR A 223 1.59 22.48 -9.27
C THR A 223 1.22 22.28 -10.74
N HIS A 224 0.16 22.95 -11.17
CA HIS A 224 -0.33 22.84 -12.53
C HIS A 224 -0.81 24.22 -13.00
N PRO A 225 -0.57 24.55 -14.28
CA PRO A 225 -1.01 25.85 -14.79
C PRO A 225 -2.48 26.12 -14.48
N GLU A 226 -3.31 25.09 -14.63
CA GLU A 226 -4.74 25.21 -14.37
C GLU A 226 -5.25 23.95 -13.67
N PRO A 227 -5.07 23.88 -12.34
CA PRO A 227 -5.49 22.74 -11.52
C PRO A 227 -6.85 22.15 -11.86
N GLU A 228 -7.85 23.01 -12.10
CA GLU A 228 -9.20 22.56 -12.41
C GLU A 228 -9.27 21.67 -13.64
N LYS A 229 -8.27 21.75 -14.51
CA LYS A 229 -8.24 20.95 -15.72
C LYS A 229 -7.33 19.72 -15.59
N ALA A 230 -6.60 19.65 -14.48
CA ALA A 230 -5.69 18.52 -14.26
C ALA A 230 -6.41 17.19 -14.39
N LEU A 231 -5.69 16.16 -14.81
CA LEU A 231 -6.27 14.84 -14.99
C LEU A 231 -6.10 13.98 -13.73
N SER A 232 -5.41 14.52 -12.74
CA SER A 232 -5.19 13.85 -11.48
C SER A 232 -4.97 14.90 -10.39
N ASP A 233 -5.53 14.67 -9.21
CA ASP A 233 -5.40 15.60 -8.09
C ASP A 233 -5.80 17.01 -8.48
N ALA A 234 -6.90 17.12 -9.23
CA ALA A 234 -7.38 18.42 -9.67
C ALA A 234 -7.75 19.31 -8.49
N SER A 235 -8.11 18.69 -7.37
CA SER A 235 -8.51 19.43 -6.18
C SER A 235 -7.38 19.93 -5.27
N THR A 236 -6.19 19.36 -5.43
CA THR A 236 -5.07 19.74 -4.56
C THR A 236 -3.84 20.37 -5.22
N GLN A 237 -3.73 20.29 -6.55
CA GLN A 237 -2.56 20.88 -7.18
C GLN A 237 -2.60 22.39 -7.07
N LEU A 238 -1.44 22.99 -6.78
CA LEU A 238 -1.34 24.43 -6.63
C LEU A 238 -1.23 25.15 -7.96
N PRO A 239 -1.99 26.25 -8.13
CA PRO A 239 -1.90 26.98 -9.40
C PRO A 239 -0.45 27.44 -9.55
N LEU A 240 0.12 27.20 -10.73
CA LEU A 240 1.52 27.56 -10.99
C LEU A 240 1.88 29.02 -10.65
N SER A 241 0.93 29.93 -10.84
CA SER A 241 1.19 31.34 -10.56
C SER A 241 1.42 31.60 -9.08
N GLN A 242 0.92 30.72 -8.22
CA GLN A 242 1.07 30.87 -6.78
C GLN A 242 2.35 30.27 -6.21
N LEU A 243 3.08 29.49 -7.01
CA LEU A 243 4.31 28.84 -6.54
C LEU A 243 5.38 29.78 -5.97
N GLU A 244 5.73 30.83 -6.72
CA GLU A 244 6.75 31.75 -6.26
C GLU A 244 6.47 32.36 -4.89
N GLY A 245 5.24 32.83 -4.70
CA GLY A 245 4.87 33.43 -3.42
C GLY A 245 4.93 32.43 -2.27
N ILE A 246 4.52 31.20 -2.53
CA ILE A 246 4.54 30.16 -1.51
C ILE A 246 5.98 29.87 -1.08
N ILE A 247 6.86 29.72 -2.07
CA ILE A 247 8.26 29.44 -1.79
C ILE A 247 8.91 30.58 -1.02
N GLU A 248 8.66 31.82 -1.43
CA GLU A 248 9.24 32.95 -0.73
C GLU A 248 8.79 32.88 0.74
N ALA A 249 7.50 32.63 0.95
CA ALA A 249 6.95 32.56 2.29
C ALA A 249 7.62 31.48 3.17
N ILE A 250 7.80 30.28 2.64
CA ILE A 250 8.42 29.24 3.47
C ILE A 250 9.88 29.50 3.76
N LEU A 251 10.59 30.14 2.83
CA LEU A 251 12.00 30.45 3.06
C LEU A 251 12.09 31.47 4.19
N GLU A 252 11.17 32.44 4.19
CA GLU A 252 11.15 33.46 5.23
C GLU A 252 10.85 32.85 6.60
N ILE A 253 9.85 31.97 6.64
CA ILE A 253 9.50 31.33 7.90
C ILE A 253 10.61 30.40 8.36
N ARG A 254 11.20 29.67 7.42
CA ARG A 254 12.29 28.75 7.73
C ARG A 254 13.46 29.51 8.37
N GLU A 255 13.80 30.66 7.79
CA GLU A 255 14.92 31.45 8.30
C GLU A 255 14.70 31.90 9.73
N VAL A 256 13.56 32.51 10.01
CA VAL A 256 13.28 33.02 11.35
C VAL A 256 13.12 31.88 12.38
N ALA A 257 12.60 30.75 11.94
CA ALA A 257 12.44 29.61 12.85
C ALA A 257 13.71 28.78 13.01
N SER A 258 14.55 28.75 11.99
CA SER A 258 15.76 27.93 11.98
C SER A 258 16.64 27.89 13.24
N LYS A 259 16.83 29.04 13.90
CA LYS A 259 17.68 29.06 15.08
C LYS A 259 17.12 28.23 16.22
N TYR A 260 15.84 27.87 16.12
CA TYR A 260 15.18 27.09 17.16
C TYR A 260 15.01 25.62 16.84
N TYR A 261 15.43 25.21 15.63
CA TYR A 261 15.32 23.81 15.25
C TYR A 261 16.15 22.98 16.24
N GLU A 262 15.55 21.94 16.81
CA GLU A 262 16.25 21.07 17.76
C GLU A 262 17.29 20.19 17.07
N THR A 263 18.36 19.87 17.79
CA THR A 263 19.40 19.00 17.27
C THR A 263 19.01 17.55 17.55
N ILE A 264 19.04 16.72 16.52
CA ILE A 264 18.67 15.31 16.67
C ILE A 264 19.80 14.44 17.22
N LYS B 3 -21.18 -22.41 -0.56
CA LYS B 3 -21.13 -22.76 0.89
C LYS B 3 -20.09 -21.92 1.64
N PHE B 4 -20.18 -21.92 2.96
CA PHE B 4 -19.27 -21.15 3.80
C PHE B 4 -17.81 -21.47 3.49
N LEU B 5 -17.02 -20.42 3.30
CA LEU B 5 -15.60 -20.59 2.98
C LEU B 5 -14.70 -20.48 4.21
N VAL B 6 -13.74 -21.38 4.28
CA VAL B 6 -12.76 -21.36 5.36
C VAL B 6 -11.39 -21.45 4.71
N ILE B 7 -10.64 -20.35 4.79
CA ILE B 7 -9.30 -20.26 4.22
C ILE B 7 -8.35 -20.39 5.40
N ALA B 8 -7.54 -21.45 5.39
CA ALA B 8 -6.61 -21.66 6.50
C ALA B 8 -5.29 -22.25 6.06
N GLY B 9 -4.28 -22.06 6.88
CA GLY B 9 -2.95 -22.57 6.57
C GLY B 9 -1.89 -21.75 7.27
N PRO B 10 -0.61 -22.17 7.20
CA PRO B 10 0.47 -21.43 7.84
C PRO B 10 0.74 -20.13 7.08
N CYS B 11 1.03 -19.06 7.82
CA CYS B 11 1.28 -17.77 7.20
C CYS B 11 2.27 -17.85 6.04
N ALA B 12 3.45 -18.38 6.31
CA ALA B 12 4.49 -18.49 5.30
C ALA B 12 4.87 -19.94 5.00
N ILE B 13 5.34 -20.18 3.78
CA ILE B 13 5.74 -21.53 3.39
C ILE B 13 7.16 -21.74 3.92
N GLU B 14 7.24 -22.04 5.21
CA GLU B 14 8.52 -22.26 5.89
C GLU B 14 9.21 -23.52 5.36
N SER B 15 8.42 -24.41 4.77
CA SER B 15 8.90 -25.67 4.18
C SER B 15 7.68 -26.47 3.72
N GLU B 16 7.81 -27.23 2.64
CA GLU B 16 6.66 -27.99 2.16
C GLU B 16 6.29 -29.04 3.20
N GLU B 17 7.24 -29.35 4.08
CA GLU B 17 7.00 -30.32 5.14
C GLU B 17 5.91 -29.74 6.06
N LEU B 18 6.08 -28.47 6.42
CA LEU B 18 5.12 -27.77 7.28
C LEU B 18 3.76 -27.74 6.61
N LEU B 19 3.75 -27.43 5.32
CA LEU B 19 2.50 -27.36 4.56
C LEU B 19 1.77 -28.69 4.51
N LEU B 20 2.53 -29.78 4.52
CA LEU B 20 1.93 -31.11 4.47
C LEU B 20 1.31 -31.47 5.82
N LYS B 21 1.98 -31.10 6.90
CA LYS B 21 1.46 -31.39 8.23
C LYS B 21 0.16 -30.62 8.45
N VAL B 22 0.19 -29.34 8.12
CA VAL B 22 -1.00 -28.51 8.28
C VAL B 22 -2.07 -28.95 7.27
N GLY B 23 -1.64 -29.34 6.08
CA GLY B 23 -2.58 -29.79 5.06
C GLY B 23 -3.35 -31.04 5.45
N GLU B 24 -2.70 -31.94 6.18
CA GLU B 24 -3.34 -33.18 6.61
C GLU B 24 -4.51 -32.88 7.55
N GLU B 25 -4.29 -31.98 8.49
CA GLU B 25 -5.33 -31.60 9.45
C GLU B 25 -6.46 -30.90 8.71
N ILE B 26 -6.13 -30.01 7.77
CA ILE B 26 -7.16 -29.31 7.03
C ILE B 26 -7.97 -30.28 6.16
N LYS B 27 -7.32 -31.32 5.67
CA LYS B 27 -8.00 -32.32 4.87
C LYS B 27 -8.97 -33.06 5.79
N ARG B 28 -8.50 -33.41 6.97
CA ARG B 28 -9.31 -34.10 7.96
C ARG B 28 -10.57 -33.28 8.25
N LEU B 29 -10.38 -32.02 8.66
CA LEU B 29 -11.52 -31.15 8.94
C LEU B 29 -12.41 -31.06 7.71
N SER B 30 -11.78 -31.05 6.55
CA SER B 30 -12.49 -30.98 5.28
C SER B 30 -13.49 -32.12 5.16
N GLU B 31 -13.10 -33.30 5.61
CA GLU B 31 -13.97 -34.47 5.54
C GLU B 31 -15.03 -34.46 6.64
N LYS B 32 -14.73 -33.77 7.74
CA LYS B 32 -15.66 -33.71 8.86
C LYS B 32 -16.73 -32.63 8.67
N PHE B 33 -16.36 -31.54 8.00
CA PHE B 33 -17.29 -30.45 7.76
C PHE B 33 -17.57 -30.33 6.27
N LYS B 34 -18.37 -31.26 5.77
CA LYS B 34 -18.73 -31.31 4.35
C LYS B 34 -19.44 -30.06 3.84
N GLU B 35 -20.09 -29.33 4.74
CA GLU B 35 -20.82 -28.13 4.32
C GLU B 35 -19.91 -26.92 4.18
N VAL B 36 -18.65 -27.09 4.52
CA VAL B 36 -17.67 -26.01 4.42
C VAL B 36 -16.70 -26.24 3.28
N GLU B 37 -16.39 -25.18 2.55
CA GLU B 37 -15.42 -25.28 1.46
C GLU B 37 -14.09 -24.78 2.02
N PHE B 38 -13.14 -25.69 2.16
CA PHE B 38 -11.83 -25.33 2.67
C PHE B 38 -10.88 -24.94 1.55
N VAL B 39 -10.01 -23.96 1.84
CA VAL B 39 -9.03 -23.50 0.88
C VAL B 39 -7.72 -23.37 1.66
N PHE B 40 -6.68 -24.06 1.20
CA PHE B 40 -5.38 -24.02 1.87
C PHE B 40 -4.60 -22.76 1.49
N LYS B 41 -4.15 -22.00 2.48
CA LYS B 41 -3.41 -20.77 2.23
C LYS B 41 -2.02 -20.76 2.85
N SER B 42 -1.07 -20.18 2.12
CA SER B 42 0.29 -20.01 2.59
C SER B 42 1.05 -19.15 1.58
N SER B 43 1.80 -18.18 2.07
CA SER B 43 2.55 -17.25 1.23
C SER B 43 3.92 -17.78 0.83
N PHE B 44 4.24 -17.69 -0.46
CA PHE B 44 5.54 -18.15 -0.92
C PHE B 44 6.58 -17.06 -0.65
N ASP B 45 6.10 -15.89 -0.24
CA ASP B 45 6.98 -14.77 0.06
C ASP B 45 6.32 -13.68 0.88
N LYS B 46 6.98 -13.27 1.95
CA LYS B 46 6.49 -12.18 2.78
C LYS B 46 7.27 -10.98 2.23
N ALA B 47 6.70 -10.38 1.20
CA ALA B 47 7.31 -9.26 0.49
C ALA B 47 7.22 -7.90 1.18
N ASN B 48 6.52 -7.85 2.32
CA ASN B 48 6.35 -6.58 3.03
C ASN B 48 6.74 -6.57 4.51
N ARG B 49 7.70 -7.40 4.90
CA ARG B 49 8.12 -7.44 6.30
C ARG B 49 8.63 -6.06 6.72
N SER B 50 8.57 -5.76 8.01
CA SER B 50 9.06 -4.49 8.51
C SER B 50 10.59 -4.44 8.43
N SER B 51 11.23 -5.52 8.84
CA SER B 51 12.68 -5.61 8.85
C SER B 51 13.31 -6.34 7.65
N ILE B 52 14.45 -5.83 7.20
CA ILE B 52 15.16 -6.44 6.08
C ILE B 52 15.72 -7.78 6.52
N HIS B 53 15.86 -7.96 7.83
CA HIS B 53 16.41 -9.20 8.39
C HIS B 53 15.39 -10.28 8.75
N SER B 54 14.11 -10.05 8.43
CA SER B 54 13.08 -11.03 8.73
C SER B 54 12.88 -12.06 7.63
N PHE B 55 12.24 -13.18 7.97
CA PHE B 55 11.99 -14.25 7.03
C PHE B 55 11.04 -13.85 5.91
N ARG B 56 11.44 -14.13 4.67
CA ARG B 56 10.60 -13.83 3.53
C ARG B 56 10.06 -15.12 2.89
N GLY B 57 10.94 -16.10 2.69
CA GLY B 57 10.50 -17.34 2.08
C GLY B 57 11.58 -18.03 1.26
N HIS B 58 11.18 -19.07 0.52
CA HIS B 58 12.13 -19.82 -0.30
C HIS B 58 11.99 -19.57 -1.79
N GLY B 59 11.22 -18.55 -2.15
CA GLY B 59 11.04 -18.23 -3.55
C GLY B 59 9.74 -18.72 -4.12
N LEU B 60 9.36 -18.16 -5.27
CA LEU B 60 8.13 -18.50 -5.95
C LEU B 60 8.10 -19.95 -6.45
N GLU B 61 9.18 -20.41 -7.04
CA GLU B 61 9.25 -21.77 -7.55
C GLU B 61 9.04 -22.81 -6.45
N TYR B 62 9.85 -22.73 -5.40
CA TYR B 62 9.74 -23.66 -4.29
C TYR B 62 8.33 -23.61 -3.70
N GLY B 63 7.79 -22.40 -3.57
CA GLY B 63 6.47 -22.23 -3.02
C GLY B 63 5.38 -22.87 -3.85
N VAL B 64 5.37 -22.59 -5.15
CA VAL B 64 4.38 -23.15 -6.05
C VAL B 64 4.47 -24.67 -6.07
N LYS B 65 5.68 -25.20 -5.95
CA LYS B 65 5.89 -26.64 -5.94
C LYS B 65 5.26 -27.25 -4.69
N ALA B 66 5.52 -26.62 -3.55
CA ALA B 66 4.98 -27.09 -2.27
C ALA B 66 3.45 -27.04 -2.26
N LEU B 67 2.89 -25.97 -2.80
CA LEU B 67 1.43 -25.84 -2.86
C LEU B 67 0.87 -26.88 -3.80
N ARG B 68 1.64 -27.21 -4.83
CA ARG B 68 1.26 -28.24 -5.80
C ARG B 68 1.11 -29.54 -5.03
N LYS B 69 2.09 -29.82 -4.19
CA LYS B 69 2.11 -31.03 -3.39
C LYS B 69 0.86 -31.14 -2.53
N VAL B 70 0.51 -30.06 -1.84
CA VAL B 70 -0.68 -30.05 -0.99
C VAL B 70 -1.93 -30.37 -1.78
N LYS B 71 -2.13 -29.67 -2.90
CA LYS B 71 -3.31 -29.88 -3.73
C LYS B 71 -3.39 -31.31 -4.27
N GLU B 72 -2.26 -31.82 -4.76
CA GLU B 72 -2.23 -33.16 -5.31
C GLU B 72 -2.40 -34.25 -4.26
N GLU B 73 -1.72 -34.08 -3.13
CA GLU B 73 -1.79 -35.06 -2.05
C GLU B 73 -3.08 -35.06 -1.23
N PHE B 74 -3.72 -33.90 -1.10
CA PHE B 74 -4.95 -33.81 -0.31
C PHE B 74 -6.20 -33.41 -1.08
N GLY B 75 -6.02 -32.96 -2.32
CA GLY B 75 -7.17 -32.56 -3.12
C GLY B 75 -7.85 -31.31 -2.56
N LEU B 76 -7.05 -30.43 -1.97
CA LEU B 76 -7.56 -29.19 -1.39
C LEU B 76 -7.31 -28.02 -2.33
N LYS B 77 -8.27 -27.11 -2.41
CA LYS B 77 -8.09 -25.93 -3.25
C LYS B 77 -6.95 -25.11 -2.64
N ILE B 78 -6.33 -24.26 -3.45
CA ILE B 78 -5.20 -23.47 -3.01
C ILE B 78 -5.35 -21.97 -3.20
N THR B 79 -4.68 -21.21 -2.33
CA THR B 79 -4.68 -19.76 -2.42
C THR B 79 -3.36 -19.24 -1.86
N THR B 80 -2.79 -18.25 -2.54
CA THR B 80 -1.55 -17.63 -2.10
C THR B 80 -1.58 -16.22 -2.66
N ASP B 81 -0.78 -15.32 -2.10
CA ASP B 81 -0.78 -13.94 -2.57
C ASP B 81 0.36 -13.62 -3.53
N ILE B 82 0.13 -12.63 -4.38
CA ILE B 82 1.13 -12.18 -5.34
C ILE B 82 1.52 -10.76 -4.96
N HIS B 83 2.68 -10.30 -5.41
CA HIS B 83 3.14 -8.97 -5.05
C HIS B 83 3.52 -8.10 -6.24
N GLU B 84 3.69 -8.71 -7.40
CA GLU B 84 3.98 -7.96 -8.62
C GLU B 84 3.27 -8.68 -9.75
N SER B 85 2.86 -7.91 -10.76
CA SER B 85 2.11 -8.43 -11.90
C SER B 85 2.60 -9.71 -12.57
N TRP B 86 3.90 -9.82 -12.79
CA TRP B 86 4.46 -11.00 -13.45
C TRP B 86 4.17 -12.31 -12.72
N GLN B 87 3.93 -12.22 -11.41
CA GLN B 87 3.68 -13.42 -10.62
C GLN B 87 2.32 -14.07 -10.81
N ALA B 88 1.35 -13.31 -11.30
CA ALA B 88 -0.02 -13.81 -11.49
C ALA B 88 -0.12 -15.11 -12.31
N GLU B 89 0.44 -15.10 -13.52
CA GLU B 89 0.36 -16.27 -14.39
C GLU B 89 0.95 -17.55 -13.77
N PRO B 90 2.24 -17.54 -13.38
CA PRO B 90 2.82 -18.74 -12.79
C PRO B 90 2.10 -19.24 -11.52
N VAL B 91 1.61 -18.31 -10.72
CA VAL B 91 0.90 -18.67 -9.49
C VAL B 91 -0.47 -19.27 -9.80
N ALA B 92 -1.12 -18.77 -10.84
CA ALA B 92 -2.44 -19.25 -11.25
C ALA B 92 -2.44 -20.73 -11.64
N GLU B 93 -1.25 -21.29 -11.86
CA GLU B 93 -1.11 -22.70 -12.23
C GLU B 93 -1.62 -23.59 -11.11
N VAL B 94 -1.43 -23.16 -9.87
CA VAL B 94 -1.85 -23.94 -8.72
C VAL B 94 -2.91 -23.26 -7.86
N ALA B 95 -2.88 -21.93 -7.83
CA ALA B 95 -3.82 -21.18 -7.01
C ALA B 95 -5.23 -21.07 -7.56
N ASP B 96 -6.19 -21.57 -6.80
CA ASP B 96 -7.59 -21.51 -7.19
C ASP B 96 -8.08 -20.08 -6.93
N ILE B 97 -7.48 -19.46 -5.92
CA ILE B 97 -7.81 -18.08 -5.54
C ILE B 97 -6.51 -17.31 -5.41
N ILE B 98 -6.38 -16.23 -6.16
CA ILE B 98 -5.19 -15.39 -6.10
C ILE B 98 -5.47 -14.29 -5.08
N GLN B 99 -4.60 -14.16 -4.09
CA GLN B 99 -4.77 -13.16 -3.04
C GLN B 99 -3.99 -11.89 -3.32
N ILE B 100 -4.65 -10.74 -3.12
CA ILE B 100 -4.01 -9.43 -3.31
C ILE B 100 -3.76 -8.82 -1.93
N PRO B 101 -2.49 -8.55 -1.60
CA PRO B 101 -2.09 -7.96 -0.32
C PRO B 101 -2.80 -6.65 0.00
N ALA B 102 -3.05 -6.42 1.29
CA ALA B 102 -3.74 -5.22 1.74
C ALA B 102 -3.07 -3.94 1.26
N PHE B 103 -1.75 -3.83 1.42
CA PHE B 103 -1.05 -2.63 0.98
C PHE B 103 -1.14 -2.42 -0.52
N LEU B 104 -1.43 -3.50 -1.26
CA LEU B 104 -1.48 -3.44 -2.72
C LEU B 104 -2.89 -3.47 -3.32
N CYS B 105 -3.92 -3.32 -2.48
CA CYS B 105 -5.29 -3.37 -2.98
C CYS B 105 -5.67 -2.28 -3.99
N ARG B 106 -4.80 -1.28 -4.17
CA ARG B 106 -5.08 -0.20 -5.12
C ARG B 106 -4.16 -0.24 -6.33
N GLN B 107 -3.30 -1.24 -6.42
CA GLN B 107 -2.38 -1.34 -7.55
C GLN B 107 -3.10 -1.96 -8.74
N THR B 108 -3.64 -1.10 -9.59
CA THR B 108 -4.39 -1.50 -10.78
C THR B 108 -3.80 -2.67 -11.58
N ASP B 109 -2.52 -2.60 -11.92
CA ASP B 109 -1.91 -3.66 -12.71
C ASP B 109 -1.86 -5.02 -12.02
N LEU B 110 -1.74 -5.03 -10.69
CA LEU B 110 -1.70 -6.28 -9.96
C LEU B 110 -3.08 -6.92 -10.01
N LEU B 111 -4.12 -6.10 -9.84
CA LEU B 111 -5.50 -6.58 -9.88
C LEU B 111 -5.85 -7.11 -11.27
N LEU B 112 -5.49 -6.36 -12.30
CA LEU B 112 -5.77 -6.76 -13.66
C LEU B 112 -5.01 -8.04 -14.00
N ALA B 113 -3.75 -8.11 -13.59
CA ALA B 113 -2.94 -9.29 -13.84
C ALA B 113 -3.60 -10.51 -13.22
N ALA B 114 -4.11 -10.36 -11.99
CA ALA B 114 -4.76 -11.45 -11.30
C ALA B 114 -6.05 -11.84 -12.01
N ALA B 115 -6.85 -10.84 -12.38
CA ALA B 115 -8.11 -11.09 -13.07
C ALA B 115 -7.93 -11.83 -14.40
N LYS B 116 -6.87 -11.48 -15.13
CA LYS B 116 -6.59 -12.09 -16.42
C LYS B 116 -6.37 -13.61 -16.38
N THR B 117 -5.88 -14.12 -15.24
CA THR B 117 -5.60 -15.55 -15.10
C THR B 117 -6.86 -16.42 -15.13
N GLY B 118 -8.02 -15.79 -14.95
CA GLY B 118 -9.26 -16.54 -14.95
C GLY B 118 -9.62 -17.10 -13.59
N ARG B 119 -8.68 -17.01 -12.64
CA ARG B 119 -8.89 -17.52 -11.30
C ARG B 119 -9.73 -16.58 -10.47
N ALA B 120 -10.17 -17.05 -9.30
CA ALA B 120 -10.94 -16.22 -8.40
C ALA B 120 -9.93 -15.26 -7.78
N VAL B 121 -10.39 -14.08 -7.35
CA VAL B 121 -9.50 -13.10 -6.74
C VAL B 121 -10.04 -12.61 -5.39
N ASN B 122 -9.20 -12.69 -4.37
CA ASN B 122 -9.55 -12.25 -3.02
C ASN B 122 -8.67 -11.06 -2.69
N VAL B 123 -9.27 -9.88 -2.52
CA VAL B 123 -8.48 -8.69 -2.20
C VAL B 123 -8.54 -8.32 -0.72
N LYS B 124 -7.37 -8.27 -0.08
CA LYS B 124 -7.31 -7.86 1.32
C LYS B 124 -7.60 -6.37 1.34
N LYS B 125 -8.60 -5.94 2.12
CA LYS B 125 -8.94 -4.51 2.18
C LYS B 125 -7.84 -3.73 2.90
N GLY B 126 -7.25 -2.77 2.20
CA GLY B 126 -6.19 -1.96 2.79
C GLY B 126 -6.59 -1.32 4.10
N GLN B 127 -5.63 -1.19 5.00
CA GLN B 127 -5.88 -0.60 6.32
C GLN B 127 -6.24 0.89 6.20
N PHE B 128 -6.00 1.44 5.02
CA PHE B 128 -6.26 2.86 4.74
C PHE B 128 -7.57 3.08 4.00
N LEU B 129 -8.22 1.97 3.64
CA LEU B 129 -9.47 2.02 2.88
C LEU B 129 -10.76 2.04 3.69
N ALA B 130 -11.75 2.78 3.19
CA ALA B 130 -13.08 2.83 3.84
C ALA B 130 -13.86 1.70 3.16
N PRO B 131 -14.89 1.15 3.84
CA PRO B 131 -15.68 0.06 3.26
C PRO B 131 -16.22 0.37 1.88
N TRP B 132 -16.79 1.56 1.70
CA TRP B 132 -17.36 1.95 0.41
C TRP B 132 -16.30 2.16 -0.67
N ASP B 133 -15.05 2.38 -0.27
CA ASP B 133 -13.98 2.56 -1.24
C ASP B 133 -13.68 1.26 -1.99
N THR B 134 -14.16 0.13 -1.47
CA THR B 134 -13.89 -1.16 -2.12
C THR B 134 -14.75 -1.39 -3.37
N LYS B 135 -15.78 -0.57 -3.56
CA LYS B 135 -16.62 -0.73 -4.74
C LYS B 135 -15.75 -0.58 -5.98
N ASN B 136 -14.87 0.42 -5.96
CA ASN B 136 -13.98 0.66 -7.10
C ASN B 136 -13.00 -0.49 -7.31
N VAL B 137 -12.60 -1.14 -6.23
CA VAL B 137 -11.67 -2.27 -6.32
C VAL B 137 -12.33 -3.40 -7.11
N VAL B 138 -13.58 -3.69 -6.77
CA VAL B 138 -14.34 -4.75 -7.44
C VAL B 138 -14.49 -4.43 -8.92
N GLU B 139 -14.84 -3.17 -9.21
CA GLU B 139 -15.01 -2.74 -10.59
C GLU B 139 -13.75 -2.98 -11.42
N LYS B 140 -12.58 -2.75 -10.85
CA LYS B 140 -11.34 -2.97 -11.58
C LYS B 140 -11.21 -4.43 -11.99
N LEU B 141 -11.50 -5.32 -11.05
CA LEU B 141 -11.42 -6.75 -11.30
C LEU B 141 -12.43 -7.20 -12.35
N LYS B 142 -13.66 -6.72 -12.24
CA LYS B 142 -14.68 -7.09 -13.23
C LYS B 142 -14.23 -6.62 -14.60
N PHE B 143 -13.65 -5.43 -14.65
CA PHE B 143 -13.15 -4.87 -15.91
C PHE B 143 -12.07 -5.79 -16.46
N GLY B 144 -11.32 -6.41 -15.55
CA GLY B 144 -10.25 -7.30 -15.95
C GLY B 144 -10.69 -8.72 -16.24
N GLY B 145 -12.00 -8.97 -16.20
CA GLY B 145 -12.50 -10.30 -16.49
C GLY B 145 -12.77 -11.22 -15.31
N ALA B 146 -12.54 -10.72 -14.09
CA ALA B 146 -12.77 -11.52 -12.90
C ALA B 146 -14.26 -11.72 -12.69
N LYS B 147 -14.65 -12.93 -12.28
CA LYS B 147 -16.06 -13.22 -12.04
C LYS B 147 -16.31 -13.67 -10.60
N GLU B 148 -15.31 -14.27 -9.97
CA GLU B 148 -15.44 -14.72 -8.58
C GLU B 148 -14.54 -13.76 -7.79
N ILE B 149 -15.17 -12.79 -7.12
CA ILE B 149 -14.44 -11.78 -6.37
C ILE B 149 -14.77 -11.74 -4.88
N TYR B 150 -13.73 -11.73 -4.05
CA TYR B 150 -13.89 -11.67 -2.60
C TYR B 150 -13.19 -10.44 -2.03
N LEU B 151 -13.73 -9.91 -0.95
CA LEU B 151 -13.14 -8.77 -0.26
C LEU B 151 -12.91 -9.26 1.16
N THR B 152 -11.71 -9.06 1.69
CA THR B 152 -11.39 -9.51 3.03
C THR B 152 -11.16 -8.40 4.05
N GLU B 153 -11.90 -8.48 5.15
CA GLU B 153 -11.78 -7.52 6.24
C GLU B 153 -10.60 -7.93 7.09
N ARG B 154 -9.63 -7.03 7.27
CA ARG B 154 -8.47 -7.35 8.08
C ARG B 154 -8.04 -6.22 9.00
N GLY B 155 -8.99 -5.36 9.36
CA GLY B 155 -8.68 -4.26 10.26
C GLY B 155 -8.40 -2.95 9.54
N THR B 156 -8.57 -1.86 10.28
CA THR B 156 -8.35 -0.52 9.73
C THR B 156 -7.42 0.26 10.66
N THR B 157 -6.56 1.09 10.08
CA THR B 157 -5.63 1.86 10.89
C THR B 157 -6.37 2.65 11.98
N PHE B 158 -5.96 2.48 13.22
CA PHE B 158 -6.61 3.15 14.35
C PHE B 158 -5.50 3.72 15.21
N GLY B 159 -5.04 4.92 14.89
CA GLY B 159 -3.95 5.49 15.65
C GLY B 159 -2.69 4.77 15.19
N TYR B 160 -1.62 4.81 15.99
CA TYR B 160 -0.38 4.16 15.61
C TYR B 160 -0.26 2.73 16.15
N ASN B 161 0.28 1.84 15.32
CA ASN B 161 0.51 0.45 15.70
C ASN B 161 -0.69 -0.27 16.26
N ASN B 162 -1.86 -0.01 15.70
CA ASN B 162 -3.06 -0.66 16.16
C ASN B 162 -4.08 -0.70 15.04
N LEU B 163 -4.92 -1.72 15.07
CA LEU B 163 -5.95 -1.88 14.06
C LEU B 163 -7.27 -2.11 14.78
N VAL B 164 -8.35 -1.63 14.20
CA VAL B 164 -9.67 -1.84 14.77
C VAL B 164 -10.51 -2.48 13.68
N VAL B 165 -11.42 -3.38 14.08
CA VAL B 165 -12.30 -4.00 13.09
C VAL B 165 -13.65 -3.32 13.22
N ASP B 166 -14.04 -2.63 12.15
CA ASP B 166 -15.32 -1.93 12.09
C ASP B 166 -16.24 -2.93 11.40
N PHE B 167 -17.04 -3.65 12.19
CA PHE B 167 -17.91 -4.65 11.61
C PHE B 167 -18.99 -4.12 10.68
N ARG B 168 -19.14 -2.80 10.61
CA ARG B 168 -20.10 -2.20 9.68
C ARG B 168 -19.64 -2.52 8.24
N SER B 169 -18.35 -2.78 8.08
CA SER B 169 -17.79 -3.08 6.76
C SER B 169 -18.37 -4.32 6.09
N LEU B 170 -18.67 -5.34 6.87
CA LEU B 170 -19.21 -6.59 6.32
C LEU B 170 -20.46 -6.34 5.46
N PRO B 171 -21.52 -5.74 6.05
CA PRO B 171 -22.72 -5.51 5.24
C PRO B 171 -22.51 -4.54 4.07
N ILE B 172 -21.61 -3.57 4.25
CA ILE B 172 -21.32 -2.61 3.19
C ILE B 172 -20.63 -3.28 2.00
N MET B 173 -19.56 -4.03 2.27
CA MET B 173 -18.82 -4.69 1.20
C MET B 173 -19.64 -5.78 0.51
N LYS B 174 -20.60 -6.34 1.25
CA LYS B 174 -21.46 -7.39 0.72
C LYS B 174 -22.29 -6.89 -0.48
N GLN B 175 -22.45 -5.58 -0.60
CA GLN B 175 -23.22 -5.03 -1.71
C GLN B 175 -22.60 -5.33 -3.06
N TRP B 176 -21.27 -5.50 -3.09
CA TRP B 176 -20.60 -5.75 -4.36
C TRP B 176 -19.63 -6.93 -4.43
N ALA B 177 -19.54 -7.72 -3.38
CA ALA B 177 -18.66 -8.88 -3.39
C ALA B 177 -18.88 -9.80 -2.20
N LYS B 178 -18.35 -11.02 -2.30
CA LYS B 178 -18.45 -11.96 -1.19
C LYS B 178 -17.47 -11.45 -0.16
N VAL B 179 -17.84 -11.52 1.11
CA VAL B 179 -16.98 -11.00 2.17
C VAL B 179 -16.35 -12.06 3.06
N ILE B 180 -15.04 -11.93 3.26
CA ILE B 180 -14.28 -12.84 4.10
C ILE B 180 -13.72 -12.04 5.29
N TYR B 181 -13.72 -12.64 6.47
CA TYR B 181 -13.17 -11.99 7.64
C TYR B 181 -11.84 -12.64 8.01
N ASP B 182 -10.77 -11.84 8.00
CA ASP B 182 -9.43 -12.32 8.36
C ASP B 182 -9.35 -12.24 9.89
N ALA B 183 -9.48 -13.39 10.54
CA ALA B 183 -9.46 -13.46 12.00
C ALA B 183 -8.11 -13.29 12.67
N THR B 184 -7.03 -13.56 11.95
CA THR B 184 -5.72 -13.46 12.57
C THR B 184 -4.97 -12.15 12.34
N HIS B 185 -5.09 -11.56 11.16
CA HIS B 185 -4.41 -10.29 10.90
C HIS B 185 -5.15 -9.10 11.52
N SER B 186 -6.45 -9.26 11.77
CA SER B 186 -7.25 -8.17 12.34
C SER B 186 -6.85 -7.82 13.76
N VAL B 187 -6.17 -8.73 14.44
CA VAL B 187 -5.75 -8.50 15.82
C VAL B 187 -4.26 -8.22 15.95
N GLN B 188 -3.55 -8.16 14.84
CA GLN B 188 -2.12 -7.87 14.90
C GLN B 188 -1.88 -6.39 15.17
N LEU B 189 -0.75 -6.09 15.79
CA LEU B 189 -0.37 -4.71 16.10
C LEU B 189 0.80 -4.35 15.18
N PRO B 190 0.52 -3.65 14.07
CA PRO B 190 1.54 -3.24 13.09
C PRO B 190 2.76 -2.58 13.72
N GLY B 191 3.95 -3.04 13.32
CA GLY B 191 5.18 -2.46 13.85
C GLY B 191 5.58 -2.91 15.24
N MET B 200 -3.23 -9.74 21.71
CA MET B 200 -3.50 -10.10 20.31
C MET B 200 -4.26 -11.41 20.18
N ARG B 201 -3.56 -12.53 20.37
CA ARG B 201 -4.17 -13.86 20.26
C ARG B 201 -5.49 -14.06 21.01
N GLU B 202 -5.58 -13.50 22.21
CA GLU B 202 -6.79 -13.65 23.02
C GLU B 202 -8.04 -13.05 22.38
N PHE B 203 -7.87 -12.22 21.35
CA PHE B 203 -9.02 -11.60 20.70
C PHE B 203 -9.43 -12.26 19.39
N ILE B 204 -8.68 -13.25 18.93
CA ILE B 204 -9.00 -13.92 17.68
C ILE B 204 -10.40 -14.56 17.68
N PHE B 205 -10.64 -15.42 18.66
CA PHE B 205 -11.90 -16.14 18.78
C PHE B 205 -13.09 -15.20 19.01
N PRO B 206 -12.98 -14.28 19.98
CA PRO B 206 -14.10 -13.36 20.24
C PRO B 206 -14.53 -12.60 18.98
N LEU B 207 -13.56 -12.08 18.23
CA LEU B 207 -13.89 -11.32 17.02
C LEU B 207 -14.38 -12.19 15.86
N ILE B 208 -13.93 -13.43 15.79
CA ILE B 208 -14.40 -14.29 14.72
C ILE B 208 -15.87 -14.65 15.01
N ARG B 209 -16.22 -14.75 16.29
CA ARG B 209 -17.61 -15.05 16.66
C ARG B 209 -18.48 -13.88 16.21
N ALA B 210 -17.97 -12.66 16.38
CA ALA B 210 -18.71 -11.46 15.97
C ALA B 210 -18.91 -11.44 14.46
N ALA B 211 -17.86 -11.82 13.73
CA ALA B 211 -17.93 -11.82 12.28
C ALA B 211 -19.07 -12.68 11.76
N VAL B 212 -19.22 -13.89 12.30
CA VAL B 212 -20.29 -14.77 11.85
C VAL B 212 -21.65 -14.33 12.38
N ALA B 213 -21.68 -13.68 13.54
CA ALA B 213 -22.94 -13.20 14.10
C ALA B 213 -23.46 -12.08 13.20
N VAL B 214 -22.54 -11.25 12.71
CA VAL B 214 -22.91 -10.15 11.82
C VAL B 214 -23.28 -10.71 10.45
N GLY B 215 -22.45 -11.61 9.95
CA GLY B 215 -22.70 -12.22 8.66
C GLY B 215 -21.61 -12.02 7.63
N CYS B 216 -20.96 -13.11 7.24
CA CYS B 216 -19.91 -13.06 6.22
C CYS B 216 -19.96 -14.34 5.40
N ASP B 217 -19.28 -14.35 4.26
CA ASP B 217 -19.28 -15.53 3.40
C ASP B 217 -18.16 -16.50 3.69
N GLY B 218 -17.26 -16.12 4.58
CA GLY B 218 -16.16 -16.99 4.91
C GLY B 218 -15.21 -16.38 5.90
N VAL B 219 -14.31 -17.20 6.42
CA VAL B 219 -13.32 -16.75 7.37
C VAL B 219 -11.93 -17.17 6.93
N PHE B 220 -10.96 -16.32 7.24
CA PHE B 220 -9.55 -16.54 6.91
C PHE B 220 -8.81 -16.70 8.24
N MET B 221 -8.05 -17.80 8.36
CA MET B 221 -7.31 -18.06 9.59
C MET B 221 -5.95 -18.69 9.38
N GLU B 222 -4.91 -18.02 9.84
CA GLU B 222 -3.57 -18.58 9.72
C GLU B 222 -3.41 -19.53 10.90
N THR B 223 -2.93 -20.72 10.62
CA THR B 223 -2.73 -21.73 11.66
C THR B 223 -1.36 -22.38 11.51
N HIS B 224 -0.77 -22.77 12.63
CA HIS B 224 0.57 -23.36 12.63
C HIS B 224 0.68 -24.35 13.79
N PRO B 225 1.34 -25.50 13.57
CA PRO B 225 1.50 -26.51 14.62
C PRO B 225 2.08 -25.92 15.91
N GLU B 226 3.05 -25.02 15.77
CA GLU B 226 3.68 -24.37 16.91
C GLU B 226 3.92 -22.91 16.60
N PRO B 227 2.89 -22.07 16.71
CA PRO B 227 3.00 -20.64 16.44
C PRO B 227 4.25 -20.00 17.05
N GLU B 228 4.59 -20.44 18.25
CA GLU B 228 5.76 -19.93 18.97
C GLU B 228 7.03 -19.97 18.12
N LYS B 229 7.13 -20.99 17.26
CA LYS B 229 8.30 -21.16 16.41
C LYS B 229 8.11 -20.65 14.98
N ALA B 230 6.92 -20.11 14.68
CA ALA B 230 6.65 -19.61 13.34
C ALA B 230 7.65 -18.52 12.97
N LEU B 231 7.97 -18.42 11.67
CA LEU B 231 8.91 -17.43 11.18
C LEU B 231 8.20 -16.16 10.74
N SER B 232 6.88 -16.18 10.88
CA SER B 232 6.05 -15.04 10.50
C SER B 232 4.78 -15.08 11.35
N ASP B 233 4.26 -13.89 11.68
CA ASP B 233 3.06 -13.76 12.50
C ASP B 233 3.00 -14.77 13.65
N ALA B 234 4.12 -14.94 14.34
CA ALA B 234 4.19 -15.88 15.45
C ALA B 234 3.17 -15.53 16.54
N SER B 235 3.01 -14.23 16.80
CA SER B 235 2.08 -13.75 17.82
C SER B 235 0.59 -13.95 17.55
N THR B 236 0.21 -14.14 16.30
CA THR B 236 -1.20 -14.29 15.97
C THR B 236 -1.66 -15.58 15.27
N GLN B 237 -0.72 -16.45 14.89
CA GLN B 237 -1.12 -17.68 14.23
C GLN B 237 -1.79 -18.63 15.21
N LEU B 238 -2.91 -19.19 14.79
CA LEU B 238 -3.68 -20.10 15.62
C LEU B 238 -3.05 -21.49 15.73
N PRO B 239 -2.97 -22.04 16.95
CA PRO B 239 -2.39 -23.38 17.11
C PRO B 239 -3.28 -24.36 16.35
N LEU B 240 -2.67 -25.17 15.50
CA LEU B 240 -3.40 -26.14 14.69
C LEU B 240 -4.46 -26.94 15.44
N SER B 241 -4.12 -27.36 16.65
CA SER B 241 -5.03 -28.16 17.49
C SER B 241 -6.31 -27.47 17.92
N GLN B 242 -6.36 -26.14 17.77
CA GLN B 242 -7.54 -25.39 18.17
C GLN B 242 -8.44 -25.04 16.99
N LEU B 243 -7.99 -25.37 15.79
CA LEU B 243 -8.76 -25.06 14.59
C LEU B 243 -10.14 -25.74 14.54
N GLU B 244 -10.18 -27.04 14.79
CA GLU B 244 -11.45 -27.76 14.75
C GLU B 244 -12.49 -27.12 15.64
N GLY B 245 -12.13 -26.91 16.90
CA GLY B 245 -13.06 -26.31 17.85
C GLY B 245 -13.63 -24.98 17.42
N ILE B 246 -12.78 -24.12 16.86
CA ILE B 246 -13.24 -22.81 16.42
C ILE B 246 -14.15 -22.91 15.20
N ILE B 247 -13.84 -23.82 14.29
CA ILE B 247 -14.69 -23.98 13.11
C ILE B 247 -16.06 -24.47 13.52
N GLU B 248 -16.10 -25.44 14.43
CA GLU B 248 -17.38 -25.97 14.90
C GLU B 248 -18.18 -24.84 15.54
N ALA B 249 -17.52 -24.04 16.37
CA ALA B 249 -18.16 -22.92 17.05
C ALA B 249 -18.75 -21.91 16.09
N ILE B 250 -17.99 -21.48 15.09
CA ILE B 250 -18.54 -20.51 14.17
C ILE B 250 -19.66 -21.08 13.30
N LEU B 251 -19.64 -22.39 13.06
CA LEU B 251 -20.70 -23.01 12.27
C LEU B 251 -22.00 -23.00 13.08
N GLU B 252 -21.87 -23.25 14.38
CA GLU B 252 -23.04 -23.24 15.27
C GLU B 252 -23.62 -21.83 15.37
N ILE B 253 -22.77 -20.84 15.58
CA ILE B 253 -23.24 -19.45 15.69
C ILE B 253 -23.86 -19.00 14.38
N ARG B 254 -23.21 -19.34 13.27
CA ARG B 254 -23.73 -18.99 11.95
C ARG B 254 -25.11 -19.63 11.73
N GLU B 255 -25.25 -20.90 12.11
CA GLU B 255 -26.52 -21.60 11.93
C GLU B 255 -27.66 -20.82 12.56
N VAL B 256 -27.47 -20.36 13.79
CA VAL B 256 -28.51 -19.62 14.49
C VAL B 256 -28.66 -18.18 13.99
N ALA B 257 -27.55 -17.48 13.85
CA ALA B 257 -27.55 -16.08 13.44
C ALA B 257 -27.96 -15.82 11.98
N SER B 258 -27.63 -16.74 11.09
CA SER B 258 -27.95 -16.59 9.67
C SER B 258 -29.42 -16.22 9.44
N LYS B 259 -30.28 -16.61 10.37
CA LYS B 259 -31.70 -16.31 10.26
C LYS B 259 -31.92 -14.80 10.19
N TYR B 260 -31.02 -14.04 10.81
CA TYR B 260 -31.14 -12.59 10.86
C TYR B 260 -30.24 -11.77 9.94
N TYR B 261 -29.46 -12.43 9.09
CA TYR B 261 -28.60 -11.69 8.17
C TYR B 261 -29.49 -10.83 7.27
N GLU B 262 -29.16 -9.55 7.14
CA GLU B 262 -29.95 -8.65 6.29
C GLU B 262 -29.75 -8.98 4.82
N THR B 263 -30.80 -8.78 4.02
CA THR B 263 -30.74 -9.04 2.59
C THR B 263 -29.94 -7.95 1.87
N ILE B 264 -28.95 -8.41 1.09
CA ILE B 264 -28.03 -7.55 0.33
C ILE B 264 -27.32 -6.50 1.19
#